data_4NPR
#
_entry.id   4NPR
#
_cell.length_a   62.368
_cell.length_b   62.368
_cell.length_c   226.037
_cell.angle_alpha   90.00
_cell.angle_beta   90.00
_cell.angle_gamma   90.00
#
_symmetry.space_group_name_H-M   'P 43 21 2'
#
loop_
_entity.id
_entity.type
_entity.pdbx_description
1 polymer 'Xyloglucan-specific endo-beta-1,4-glucanase GH12'
2 non-polymer 'SULFATE ION'
3 water water
#
_entity_poly.entity_id   1
_entity_poly.type   'polypeptide(L)'
_entity_poly.pdbx_seq_one_letter_code
;MGSSHHHHHHSSGLVPRGSHMASATQFCDQWGSVTEGNYILYNNLWGQAQATSGSQCTTFESLSGNTIVWNTKWSWSGGQ
GQVKSFANAALQFTPKKLSSVKSIDSTWKWNYSGSNIVADVAYDMFLSTSPGGDHNYEIMVWLGALGGAGPISSTGSPIA
TPTVAGIKFNLYLGPNGSMQVYSFVAQSTTNSFSGDMRDFFTYLESNQGLSSDLYLVDVQAGTEPFSGSNAVFTVSDYSV
SVA
;
_entity_poly.pdbx_strand_id   A,B
#
loop_
_chem_comp.id
_chem_comp.type
_chem_comp.name
_chem_comp.formula
SO4 non-polymer 'SULFATE ION' 'O4 S -2'
#
# COMPACT_ATOMS: atom_id res chain seq x y z
N SER A 23 -16.17 3.45 27.40
CA SER A 23 -16.08 4.92 27.71
C SER A 23 -15.02 5.65 26.84
N ALA A 24 -14.99 6.99 26.92
CA ALA A 24 -14.14 7.83 26.06
C ALA A 24 -12.64 7.53 26.19
N THR A 25 -11.96 7.30 25.06
CA THR A 25 -10.54 6.89 25.00
C THR A 25 -9.90 7.71 23.86
N GLN A 26 -8.93 8.52 24.25
CA GLN A 26 -8.27 9.51 23.43
C GLN A 26 -6.79 9.08 23.29
N PHE A 27 -6.26 9.05 22.07
CA PHE A 27 -4.87 8.65 21.86
C PHE A 27 -4.28 9.46 20.72
N CYS A 28 -2.99 9.80 20.87
CA CYS A 28 -2.23 10.73 19.98
C CYS A 28 -1.03 10.15 19.24
N ASP A 29 -0.62 8.95 19.63
CA ASP A 29 0.54 8.32 19.03
C ASP A 29 0.23 7.82 17.61
N GLN A 30 1.32 7.78 16.82
CA GLN A 30 1.23 7.49 15.42
C GLN A 30 0.34 6.28 15.10
N TRP A 31 0.50 5.20 15.85
CA TRP A 31 -0.27 3.97 15.59
C TRP A 31 -1.28 3.66 16.67
N GLY A 32 -1.80 4.65 17.36
CA GLY A 32 -2.84 4.44 18.35
C GLY A 32 -4.05 3.80 17.72
N SER A 33 -4.67 2.86 18.45
CA SER A 33 -5.99 2.27 18.11
C SER A 33 -6.73 1.63 19.30
N VAL A 34 -8.01 1.35 19.09
CA VAL A 34 -8.87 0.71 20.07
C VAL A 34 -9.91 -0.07 19.31
N THR A 35 -10.40 -1.12 19.92
CA THR A 35 -11.33 -2.03 19.31
C THR A 35 -12.69 -1.84 19.99
N GLU A 36 -13.77 -1.74 19.24
CA GLU A 36 -15.08 -1.59 19.86
C GLU A 36 -16.09 -2.29 19.00
N GLY A 37 -16.82 -3.21 19.58
CA GLY A 37 -17.75 -4.02 18.81
C GLY A 37 -17.06 -4.56 17.58
N ASN A 38 -17.58 -4.17 16.43
CA ASN A 38 -17.03 -4.66 15.19
C ASN A 38 -16.11 -3.73 14.51
N TYR A 39 -15.60 -2.74 15.23
CA TYR A 39 -14.71 -1.74 14.64
C TYR A 39 -13.36 -1.74 15.36
N ILE A 40 -12.31 -1.31 14.66
CA ILE A 40 -11.09 -0.87 15.27
C ILE A 40 -10.95 0.55 14.73
N LEU A 41 -10.74 1.47 15.66
CA LEU A 41 -10.63 2.87 15.31
C LEU A 41 -9.16 3.21 15.40
N TYR A 42 -8.64 3.85 14.37
CA TYR A 42 -7.19 4.05 14.21
C TYR A 42 -6.88 5.52 14.09
N ASN A 43 -5.76 5.93 14.66
CA ASN A 43 -5.20 7.27 14.48
C ASN A 43 -4.38 7.26 13.16
N ASN A 44 -3.49 6.27 12.99
CA ASN A 44 -2.90 5.97 11.68
C ASN A 44 -2.26 7.21 11.03
N LEU A 45 -1.24 7.73 11.67
CA LEU A 45 -0.54 8.91 11.20
C LEU A 45 0.57 8.54 10.18
N TRP A 46 0.24 7.66 9.25
CA TRP A 46 1.26 7.09 8.37
C TRP A 46 2.09 8.17 7.63
N GLY A 47 1.56 9.36 7.46
CA GLY A 47 2.17 10.33 6.63
C GLY A 47 2.75 11.49 7.38
N GLN A 48 2.90 11.35 8.71
CA GLN A 48 3.56 12.35 9.59
C GLN A 48 4.83 12.90 9.03
N ALA A 49 5.68 12.02 8.49
CA ALA A 49 7.03 12.41 8.16
C ALA A 49 7.06 13.40 7.00
N GLN A 50 5.97 13.50 6.24
CA GLN A 50 5.90 14.48 5.14
C GLN A 50 5.45 15.86 5.58
N ALA A 51 5.32 16.05 6.88
CA ALA A 51 4.89 17.32 7.44
C ALA A 51 6.11 17.97 8.08
N THR A 52 6.13 19.29 7.99
CA THR A 52 7.12 20.12 8.64
C THR A 52 6.73 20.29 10.10
N SER A 53 5.47 20.05 10.44
CA SER A 53 4.86 20.56 11.66
C SER A 53 3.48 19.86 11.91
N GLY A 54 3.08 19.67 13.16
CA GLY A 54 1.69 19.26 13.45
C GLY A 54 1.54 18.02 14.33
N SER A 55 0.30 17.70 14.69
CA SER A 55 0.03 16.45 15.36
C SER A 55 -1.45 16.15 15.24
N GLN A 56 -1.89 15.03 15.80
CA GLN A 56 -3.27 14.63 15.66
C GLN A 56 -3.61 13.58 16.70
N CYS A 57 -4.78 13.77 17.33
CA CYS A 57 -5.36 12.87 18.35
C CYS A 57 -6.77 12.45 17.96
N THR A 58 -7.05 11.18 18.18
CA THR A 58 -8.32 10.59 17.81
C THR A 58 -9.05 10.17 19.08
N THR A 59 -10.37 10.33 19.09
CA THR A 59 -11.14 9.97 20.31
C THR A 59 -12.34 9.11 20.02
N PHE A 60 -12.42 7.97 20.66
CA PHE A 60 -13.61 7.17 20.63
C PHE A 60 -14.53 7.70 21.71
N GLU A 61 -15.81 7.86 21.40
CA GLU A 61 -16.78 8.36 22.34
C GLU A 61 -17.68 7.27 22.85
N SER A 62 -18.35 6.55 21.94
CA SER A 62 -19.37 5.61 22.31
C SER A 62 -19.75 4.68 21.19
N LEU A 63 -20.41 3.59 21.54
CA LEU A 63 -20.80 2.57 20.58
C LEU A 63 -22.19 2.14 21.01
N SER A 64 -23.06 1.94 20.05
CA SER A 64 -24.45 1.73 20.35
C SER A 64 -24.99 0.89 19.21
N GLY A 65 -25.23 -0.39 19.51
CA GLY A 65 -25.54 -1.38 18.49
C GLY A 65 -24.33 -1.47 17.57
N ASN A 66 -24.55 -1.30 16.26
CA ASN A 66 -23.40 -1.21 15.34
C ASN A 66 -23.04 0.21 14.90
N THR A 67 -23.39 1.20 15.72
CA THR A 67 -23.12 2.63 15.46
C THR A 67 -22.03 3.23 16.34
N ILE A 68 -20.98 3.74 15.73
CA ILE A 68 -19.84 4.29 16.47
C ILE A 68 -19.87 5.82 16.36
N VAL A 69 -19.50 6.49 17.46
CA VAL A 69 -19.41 7.95 17.58
C VAL A 69 -17.96 8.25 17.98
N TRP A 70 -17.27 9.07 17.20
CA TRP A 70 -15.88 9.38 17.47
C TRP A 70 -15.50 10.69 16.86
N ASN A 71 -14.24 11.09 17.11
CA ASN A 71 -13.65 12.24 16.45
C ASN A 71 -12.14 12.23 16.39
N THR A 72 -11.62 13.15 15.60
CA THR A 72 -10.22 13.39 15.61
C THR A 72 -9.92 14.89 15.46
N LYS A 73 -8.78 15.30 16.00
CA LYS A 73 -8.39 16.68 16.05
C LYS A 73 -6.98 16.78 15.60
N TRP A 74 -6.67 17.83 14.84
CA TRP A 74 -5.38 17.87 14.21
C TRP A 74 -4.97 19.25 13.74
N SER A 75 -3.66 19.44 13.64
CA SER A 75 -3.08 20.51 12.87
C SER A 75 -1.89 19.91 12.15
N TRP A 76 -1.74 20.27 10.87
CA TRP A 76 -0.64 19.83 10.01
C TRP A 76 -0.22 20.96 9.10
N SER A 77 1.07 21.02 8.82
CA SER A 77 1.51 21.91 7.76
C SER A 77 2.73 21.36 7.07
N GLY A 78 3.03 21.94 5.90
CA GLY A 78 4.02 21.42 4.93
C GLY A 78 3.59 20.21 4.12
N GLY A 79 4.54 19.65 3.39
CA GLY A 79 4.26 18.56 2.45
C GLY A 79 3.01 18.77 1.63
N GLN A 80 2.97 19.85 0.87
CA GLN A 80 1.85 20.14 -0.05
C GLN A 80 1.56 18.87 -0.84
N GLY A 81 0.26 18.58 -0.94
CA GLY A 81 -0.22 17.42 -1.65
C GLY A 81 0.05 16.07 -1.05
N GLN A 82 0.63 15.96 0.16
CA GLN A 82 0.82 14.62 0.75
C GLN A 82 -0.16 14.46 1.90
N VAL A 83 -0.78 13.30 1.96
CA VAL A 83 -1.67 12.97 3.05
C VAL A 83 -0.79 12.72 4.28
N LYS A 84 -1.19 13.29 5.41
CA LYS A 84 -0.49 13.06 6.62
C LYS A 84 -1.02 11.88 7.40
N SER A 85 -2.26 11.46 7.15
CA SER A 85 -2.86 10.44 7.99
C SER A 85 -4.19 9.94 7.43
N PHE A 86 -4.73 8.92 8.09
CA PHE A 86 -6.01 8.44 7.71
C PHE A 86 -6.62 7.75 8.92
N ALA A 87 -7.01 8.58 9.91
CA ALA A 87 -7.75 8.11 11.05
C ALA A 87 -9.14 7.73 10.55
N ASN A 88 -9.58 6.53 10.92
CA ASN A 88 -10.74 5.89 10.35
C ASN A 88 -11.25 4.85 11.30
N ALA A 89 -12.52 4.55 11.13
CA ALA A 89 -13.11 3.34 11.71
C ALA A 89 -13.14 2.21 10.63
N ALA A 90 -12.57 1.05 10.95
CA ALA A 90 -12.52 -0.12 10.08
C ALA A 90 -13.40 -1.24 10.61
N LEU A 91 -14.24 -1.76 9.75
CA LEU A 91 -15.15 -2.81 10.11
C LEU A 91 -14.36 -4.11 10.08
N GLN A 92 -14.59 -4.96 11.08
CA GLN A 92 -13.96 -6.27 11.21
C GLN A 92 -14.95 -7.32 10.75
N PHE A 93 -14.64 -7.98 9.66
CA PHE A 93 -15.58 -8.94 9.11
C PHE A 93 -14.82 -9.98 8.33
N THR A 94 -15.52 -11.05 8.02
CA THR A 94 -14.94 -12.10 7.25
C THR A 94 -15.07 -11.70 5.78
N PRO A 95 -13.97 -11.79 5.03
CA PRO A 95 -13.97 -11.41 3.61
C PRO A 95 -14.98 -12.18 2.77
N LYS A 96 -15.47 -11.54 1.71
CA LYS A 96 -16.49 -12.11 0.84
C LYS A 96 -16.24 -11.70 -0.59
N LYS A 97 -16.44 -12.64 -1.51
CA LYS A 97 -16.43 -12.30 -2.91
C LYS A 97 -17.55 -11.35 -3.21
N LEU A 98 -17.31 -10.42 -4.12
CA LEU A 98 -18.32 -9.46 -4.50
C LEU A 98 -19.59 -10.08 -5.03
N SER A 99 -19.49 -11.23 -5.67
CA SER A 99 -20.65 -11.90 -6.25
C SER A 99 -21.55 -12.51 -5.19
N SER A 100 -21.03 -12.69 -3.98
CA SER A 100 -21.85 -13.22 -2.92
C SER A 100 -22.30 -12.17 -1.90
N VAL A 101 -22.04 -10.89 -2.19
CA VAL A 101 -22.40 -9.81 -1.28
C VAL A 101 -23.81 -9.29 -1.57
N LYS A 102 -24.77 -9.46 -0.64
CA LYS A 102 -26.15 -8.94 -0.83
C LYS A 102 -26.22 -7.44 -0.61
N SER A 103 -25.53 -6.94 0.42
CA SER A 103 -25.54 -5.51 0.70
C SER A 103 -24.37 -5.04 1.53
N ILE A 104 -24.06 -3.77 1.38
CA ILE A 104 -23.18 -3.05 2.32
C ILE A 104 -23.85 -1.75 2.80
N ASP A 105 -24.90 -1.86 3.61
CA ASP A 105 -25.63 -0.67 4.07
C ASP A 105 -24.74 0.15 5.00
N SER A 106 -24.67 1.47 4.80
CA SER A 106 -23.89 2.35 5.71
C SER A 106 -24.61 3.66 5.99
N THR A 107 -24.50 4.19 7.19
CA THR A 107 -25.01 5.52 7.47
C THR A 107 -23.94 6.33 8.18
N TRP A 108 -23.76 7.58 7.77
CA TRP A 108 -22.65 8.38 8.22
C TRP A 108 -23.13 9.81 8.29
N LYS A 109 -22.87 10.43 9.43
CA LYS A 109 -23.04 11.83 9.62
C LYS A 109 -21.73 12.40 10.18
N TRP A 110 -21.19 13.45 9.55
CA TRP A 110 -19.95 14.09 10.01
C TRP A 110 -19.99 15.58 9.89
N ASN A 111 -19.02 16.18 10.56
CA ASN A 111 -18.80 17.63 10.55
C ASN A 111 -17.31 18.02 10.67
N TYR A 112 -16.90 19.09 9.98
CA TYR A 112 -15.54 19.60 10.11
C TYR A 112 -15.59 21.00 10.64
N SER A 113 -14.67 21.33 11.53
CA SER A 113 -14.41 22.74 11.81
C SER A 113 -12.92 23.01 11.86
N GLY A 114 -12.56 24.28 11.72
CA GLY A 114 -11.17 24.75 11.95
C GLY A 114 -10.70 25.63 10.81
N SER A 115 -9.42 26.01 10.79
CA SER A 115 -8.96 27.04 9.83
C SER A 115 -8.06 26.52 8.70
N ASN A 116 -8.30 27.05 7.49
CA ASN A 116 -7.60 26.66 6.27
C ASN A 116 -7.50 25.16 6.03
N ILE A 117 -8.63 24.48 6.03
CA ILE A 117 -8.65 23.00 5.93
C ILE A 117 -8.45 22.46 4.52
N VAL A 118 -7.52 21.50 4.37
CA VAL A 118 -7.34 20.75 3.14
C VAL A 118 -7.31 19.28 3.59
N ALA A 119 -8.29 18.51 3.15
CA ALA A 119 -8.62 17.20 3.75
C ALA A 119 -9.71 16.62 2.92
N ASP A 120 -9.78 15.30 2.91
CA ASP A 120 -10.96 14.59 2.42
C ASP A 120 -11.65 13.80 3.52
N VAL A 121 -12.92 13.47 3.26
CA VAL A 121 -13.73 12.58 4.07
C VAL A 121 -14.20 11.47 3.15
N ALA A 122 -13.90 10.22 3.51
CA ALA A 122 -13.89 9.17 2.55
C ALA A 122 -14.08 7.81 3.22
N TYR A 123 -14.87 6.97 2.54
CA TYR A 123 -14.76 5.54 2.63
C TYR A 123 -13.56 5.12 1.82
N ASP A 124 -12.88 4.08 2.34
CA ASP A 124 -11.80 3.38 1.70
C ASP A 124 -12.05 1.86 1.77
N MET A 125 -12.37 1.25 0.64
CA MET A 125 -12.67 -0.17 0.57
C MET A 125 -11.69 -0.88 -0.37
N PHE A 126 -11.21 -2.03 0.06
CA PHE A 126 -10.11 -2.69 -0.56
C PHE A 126 -10.50 -4.08 -1.05
N LEU A 127 -10.04 -4.42 -2.26
CA LEU A 127 -10.26 -5.75 -2.82
C LEU A 127 -8.98 -6.56 -2.91
N SER A 128 -9.15 -7.88 -2.94
CA SER A 128 -8.03 -8.79 -3.14
C SER A 128 -8.48 -10.06 -3.84
N THR A 129 -7.50 -10.76 -4.43
CA THR A 129 -7.77 -12.00 -5.17
C THR A 129 -7.97 -13.20 -4.23
N SER A 130 -7.47 -13.12 -3.01
CA SER A 130 -7.77 -14.15 -1.99
C SER A 130 -8.08 -13.45 -0.67
N PRO A 131 -8.77 -14.14 0.27
CA PRO A 131 -9.13 -13.47 1.54
C PRO A 131 -7.95 -12.83 2.31
N GLY A 132 -6.80 -13.47 2.29
CA GLY A 132 -5.62 -12.97 3.01
C GLY A 132 -4.65 -12.24 2.12
N GLY A 133 -4.94 -12.18 0.82
CA GLY A 133 -4.02 -11.55 -0.13
C GLY A 133 -3.84 -10.05 -0.01
N ASP A 134 -2.79 -9.58 -0.69
CA ASP A 134 -2.49 -8.17 -0.83
C ASP A 134 -3.66 -7.44 -1.53
N HIS A 135 -3.74 -6.13 -1.30
CA HIS A 135 -4.74 -5.29 -1.97
C HIS A 135 -4.34 -5.00 -3.40
N ASN A 136 -5.16 -5.42 -4.34
CA ASN A 136 -4.94 -5.06 -5.74
C ASN A 136 -5.82 -3.90 -6.21
N TYR A 137 -6.98 -3.72 -5.56
CA TYR A 137 -7.85 -2.60 -5.81
C TYR A 137 -8.17 -1.77 -4.61
N GLU A 138 -8.41 -0.51 -4.87
CA GLU A 138 -8.89 0.34 -3.84
C GLU A 138 -10.01 1.18 -4.41
N ILE A 139 -11.10 1.26 -3.66
CA ILE A 139 -12.23 2.11 -4.00
C ILE A 139 -12.51 3.13 -2.90
N MET A 140 -12.49 4.39 -3.27
CA MET A 140 -12.74 5.44 -2.33
C MET A 140 -14.04 6.13 -2.70
N VAL A 141 -14.75 6.58 -1.68
CA VAL A 141 -15.94 7.35 -1.89
C VAL A 141 -15.82 8.56 -1.02
N TRP A 142 -15.60 9.69 -1.68
CA TRP A 142 -15.38 10.96 -1.01
C TRP A 142 -16.72 11.67 -0.83
N LEU A 143 -17.14 11.84 0.42
CA LEU A 143 -18.28 12.71 0.68
C LEU A 143 -17.86 14.16 0.79
N GLY A 144 -16.55 14.35 0.98
CA GLY A 144 -15.99 15.66 1.31
C GLY A 144 -14.66 15.85 0.63
N ALA A 145 -14.54 16.95 -0.12
CA ALA A 145 -13.27 17.42 -0.70
C ALA A 145 -13.02 18.88 -0.30
N LEU A 146 -12.35 19.06 0.82
CA LEU A 146 -12.17 20.37 1.39
C LEU A 146 -10.84 21.00 0.96
N GLY A 147 -10.90 22.29 0.68
CA GLY A 147 -9.73 23.12 0.47
C GLY A 147 -8.71 22.76 -0.59
N GLY A 148 -9.10 21.93 -1.56
CA GLY A 148 -8.22 21.58 -2.66
C GLY A 148 -7.79 20.13 -2.70
N ALA A 149 -8.12 19.38 -1.65
CA ALA A 149 -7.74 17.99 -1.56
C ALA A 149 -8.05 17.27 -2.88
N GLY A 150 -7.05 16.57 -3.43
CA GLY A 150 -7.19 15.92 -4.73
C GLY A 150 -6.92 14.44 -4.68
N PRO A 151 -7.67 13.66 -5.46
CA PRO A 151 -7.45 12.23 -5.53
C PRO A 151 -6.31 11.80 -6.46
N ILE A 152 -5.94 10.54 -6.25
CA ILE A 152 -5.14 9.74 -7.17
C ILE A 152 -5.87 9.74 -8.49
N SER A 153 -5.13 10.04 -9.55
CA SER A 153 -5.65 10.09 -10.89
C SER A 153 -4.44 10.12 -11.83
N SER A 154 -4.48 9.36 -12.90
CA SER A 154 -3.40 9.48 -13.91
C SER A 154 -3.48 10.80 -14.63
N THR A 155 -4.64 11.15 -15.15
CA THR A 155 -4.76 12.38 -15.93
C THR A 155 -5.03 13.62 -15.08
N GLY A 156 -5.40 13.48 -13.81
CA GLY A 156 -6.00 14.60 -13.08
C GLY A 156 -7.48 14.88 -13.37
N SER A 157 -8.08 14.25 -14.39
CA SER A 157 -9.45 14.53 -14.81
C SER A 157 -10.31 13.33 -14.60
N PRO A 158 -11.62 13.52 -14.49
CA PRO A 158 -12.52 12.38 -14.41
C PRO A 158 -12.43 11.45 -15.61
N ILE A 159 -12.56 10.14 -15.39
CA ILE A 159 -12.91 9.21 -16.50
C ILE A 159 -14.41 9.13 -16.72
N ALA A 160 -15.22 9.60 -15.77
CA ALA A 160 -16.66 9.51 -15.89
C ALA A 160 -17.31 10.29 -14.76
N THR A 161 -18.58 10.57 -14.91
CA THR A 161 -19.33 11.33 -13.94
C THR A 161 -20.63 10.63 -13.57
N PRO A 162 -20.55 9.38 -13.10
CA PRO A 162 -21.76 8.60 -12.77
C PRO A 162 -22.49 9.04 -11.51
N THR A 163 -23.77 8.68 -11.44
CA THR A 163 -24.61 8.92 -10.28
C THR A 163 -24.76 7.53 -9.61
N VAL A 164 -24.38 7.40 -8.36
CA VAL A 164 -24.39 6.15 -7.66
C VAL A 164 -24.89 6.45 -6.26
N ALA A 165 -25.77 5.58 -5.78
CA ALA A 165 -26.43 5.71 -4.47
C ALA A 165 -27.02 7.10 -4.25
N GLY A 166 -27.62 7.63 -5.33
CA GLY A 166 -28.34 8.91 -5.36
C GLY A 166 -27.50 10.17 -5.46
N ILE A 167 -26.17 10.05 -5.58
CA ILE A 167 -25.25 11.20 -5.54
C ILE A 167 -24.46 11.21 -6.83
N LYS A 168 -24.27 12.39 -7.41
CA LYS A 168 -23.44 12.57 -8.61
C LYS A 168 -21.96 12.67 -8.22
N PHE A 169 -21.16 11.85 -8.88
CA PHE A 169 -19.75 11.71 -8.60
C PHE A 169 -18.91 12.10 -9.81
N ASN A 170 -17.76 12.72 -9.56
CA ASN A 170 -16.66 12.67 -10.51
C ASN A 170 -15.86 11.40 -10.18
N LEU A 171 -15.57 10.58 -11.18
CA LEU A 171 -14.81 9.35 -10.98
C LEU A 171 -13.39 9.45 -11.51
N TYR A 172 -12.42 9.07 -10.68
CA TYR A 172 -11.02 9.09 -10.99
C TYR A 172 -10.41 7.71 -10.90
N LEU A 173 -9.37 7.49 -11.70
CA LEU A 173 -8.61 6.27 -11.64
C LEU A 173 -7.10 6.51 -11.76
N GLY A 174 -6.33 5.83 -10.93
CA GLY A 174 -4.88 5.93 -11.01
C GLY A 174 -4.25 4.90 -10.10
N PRO A 175 -2.98 4.61 -10.33
CA PRO A 175 -2.28 3.69 -9.43
C PRO A 175 -1.68 4.42 -8.21
N ASN A 176 -1.52 3.67 -7.12
CA ASN A 176 -0.80 4.13 -5.93
C ASN A 176 -0.39 2.88 -5.20
N GLY A 177 0.75 2.92 -4.54
CA GLY A 177 1.30 1.68 -3.98
C GLY A 177 1.48 0.68 -5.12
N SER A 178 1.06 -0.55 -4.85
CA SER A 178 0.99 -1.55 -5.92
C SER A 178 -0.45 -1.97 -6.21
N MET A 179 -1.35 -0.97 -6.27
CA MET A 179 -2.79 -1.10 -6.44
C MET A 179 -3.26 -0.17 -7.54
N GLN A 180 -4.46 -0.42 -8.02
CA GLN A 180 -5.20 0.59 -8.81
C GLN A 180 -6.32 1.22 -7.91
N VAL A 181 -6.46 2.54 -7.94
CA VAL A 181 -7.41 3.23 -7.07
C VAL A 181 -8.44 3.91 -7.91
N TYR A 182 -9.70 3.49 -7.75
CA TYR A 182 -10.87 4.22 -8.22
C TYR A 182 -11.37 5.11 -7.11
N SER A 183 -11.57 6.40 -7.41
CA SER A 183 -12.06 7.38 -6.44
C SER A 183 -13.31 8.09 -6.92
N PHE A 184 -14.40 7.94 -6.16
CA PHE A 184 -15.66 8.58 -6.46
C PHE A 184 -15.66 9.83 -5.60
N VAL A 185 -15.69 10.98 -6.23
CA VAL A 185 -15.61 12.22 -5.51
C VAL A 185 -16.91 12.98 -5.72
N ALA A 186 -17.67 13.14 -4.64
CA ALA A 186 -18.99 13.74 -4.77
C ALA A 186 -18.87 15.19 -5.23
N GLN A 187 -19.71 15.58 -6.18
CA GLN A 187 -19.72 16.96 -6.71
C GLN A 187 -20.15 18.04 -5.69
N SER A 188 -21.03 17.68 -4.74
CA SER A 188 -21.34 18.54 -3.60
C SER A 188 -20.84 17.90 -2.35
N THR A 189 -20.29 18.70 -1.46
CA THR A 189 -19.97 18.24 -0.13
C THR A 189 -21.23 17.72 0.54
N THR A 190 -21.12 16.55 1.16
CA THR A 190 -22.24 15.77 1.62
C THR A 190 -21.95 15.20 3.02
N ASN A 191 -22.39 15.94 4.05
CA ASN A 191 -22.12 15.53 5.40
C ASN A 191 -23.10 14.55 5.99
N SER A 192 -24.20 14.26 5.30
CA SER A 192 -25.17 13.23 5.76
C SER A 192 -25.39 12.26 4.65
N PHE A 193 -25.35 10.95 4.95
CA PHE A 193 -25.47 9.90 3.95
C PHE A 193 -26.01 8.60 4.52
N SER A 194 -26.92 7.96 3.79
CA SER A 194 -27.39 6.61 4.08
C SER A 194 -27.61 5.83 2.78
N GLY A 195 -26.91 4.71 2.62
CA GLY A 195 -27.02 3.94 1.39
C GLY A 195 -26.33 2.60 1.32
N ASP A 196 -26.64 1.87 0.25
CA ASP A 196 -26.02 0.58 0.01
C ASP A 196 -24.68 0.77 -0.71
N MET A 197 -23.56 0.53 -0.01
CA MET A 197 -22.23 0.73 -0.65
C MET A 197 -21.95 -0.28 -1.81
N ARG A 198 -22.87 -1.20 -2.03
CA ARG A 198 -22.70 -2.15 -3.08
C ARG A 198 -22.95 -1.52 -4.41
N ASP A 199 -23.54 -0.34 -4.43
CA ASP A 199 -23.87 0.27 -5.72
C ASP A 199 -22.59 0.65 -6.47
N PHE A 200 -21.59 1.10 -5.75
CA PHE A 200 -20.27 1.42 -6.30
C PHE A 200 -19.61 0.23 -7.00
N PHE A 201 -19.71 -0.95 -6.40
CA PHE A 201 -19.25 -2.18 -7.06
C PHE A 201 -20.13 -2.61 -8.24
N THR A 202 -21.45 -2.61 -8.07
CA THR A 202 -22.33 -2.92 -9.17
C THR A 202 -21.87 -2.06 -10.35
N TYR A 203 -21.61 -0.78 -10.09
CA TYR A 203 -21.26 0.15 -11.15
C TYR A 203 -19.98 -0.21 -11.88
N LEU A 204 -18.94 -0.53 -11.12
CA LEU A 204 -17.62 -0.85 -11.64
C LEU A 204 -17.63 -2.15 -12.38
N GLU A 205 -18.41 -3.11 -11.91
CA GLU A 205 -18.42 -4.44 -12.54
C GLU A 205 -18.99 -4.26 -13.93
N SER A 206 -19.94 -3.35 -13.97
CA SER A 206 -20.80 -3.16 -15.07
C SER A 206 -20.15 -2.24 -16.10
N ASN A 207 -19.52 -1.16 -15.63
CA ASN A 207 -19.06 -0.10 -16.56
C ASN A 207 -17.55 0.10 -16.67
N GLN A 208 -16.79 -0.57 -15.83
CA GLN A 208 -15.32 -0.45 -15.82
C GLN A 208 -14.61 -1.82 -15.74
N GLY A 209 -15.31 -2.92 -15.99
CA GLY A 209 -14.67 -4.23 -16.10
C GLY A 209 -14.21 -4.86 -14.81
N LEU A 210 -14.66 -4.35 -13.66
CA LEU A 210 -14.15 -4.91 -12.42
C LEU A 210 -14.67 -6.33 -12.25
N SER A 211 -13.82 -7.24 -11.83
CA SER A 211 -14.26 -8.62 -11.69
C SER A 211 -15.07 -8.81 -10.38
N SER A 212 -16.18 -9.54 -10.43
CA SER A 212 -16.90 -9.84 -9.20
C SER A 212 -16.34 -11.06 -8.47
N ASP A 213 -15.37 -11.75 -9.05
CA ASP A 213 -14.75 -12.86 -8.35
C ASP A 213 -13.77 -12.37 -7.25
N LEU A 214 -13.51 -11.07 -7.21
CA LEU A 214 -12.62 -10.53 -6.20
C LEU A 214 -13.29 -10.54 -4.84
N TYR A 215 -12.48 -10.52 -3.79
CA TYR A 215 -12.90 -10.45 -2.38
C TYR A 215 -12.90 -9.02 -1.83
N LEU A 216 -14.01 -8.59 -1.21
CA LEU A 216 -14.00 -7.37 -0.37
C LEU A 216 -13.29 -7.70 0.91
N VAL A 217 -12.16 -7.06 1.24
CA VAL A 217 -11.40 -7.41 2.47
C VAL A 217 -11.20 -6.33 3.57
N ASP A 218 -11.52 -5.07 3.27
CA ASP A 218 -11.42 -3.98 4.24
C ASP A 218 -12.50 -2.92 3.87
N VAL A 219 -13.26 -2.45 4.86
CA VAL A 219 -14.17 -1.31 4.71
C VAL A 219 -13.95 -0.29 5.83
N GLN A 220 -13.35 0.83 5.47
CA GLN A 220 -12.85 1.82 6.41
C GLN A 220 -13.45 3.19 6.09
N ALA A 221 -13.83 3.95 7.09
CA ALA A 221 -14.36 5.31 6.87
C ALA A 221 -13.69 6.33 7.84
N GLY A 222 -13.12 7.41 7.27
CA GLY A 222 -12.44 8.44 8.03
C GLY A 222 -12.12 9.69 7.23
N THR A 223 -11.05 10.37 7.61
CA THR A 223 -10.65 11.57 6.93
C THR A 223 -9.14 11.56 6.63
N GLU A 224 -8.75 12.11 5.46
CA GLU A 224 -7.32 12.26 5.09
C GLU A 224 -6.98 13.73 5.01
N PRO A 225 -6.26 14.24 5.99
CA PRO A 225 -5.87 15.63 5.96
C PRO A 225 -4.53 15.92 5.25
N PHE A 226 -4.46 17.07 4.58
CA PHE A 226 -3.22 17.55 3.97
C PHE A 226 -2.61 18.70 4.79
N SER A 227 -3.43 19.67 5.20
CA SER A 227 -3.00 20.75 6.06
C SER A 227 -4.18 21.56 6.62
N GLY A 228 -3.86 22.36 7.63
CA GLY A 228 -4.81 23.15 8.40
C GLY A 228 -4.41 23.24 9.87
N SER A 229 -5.17 24.03 10.64
CA SER A 229 -4.95 24.16 12.12
C SER A 229 -6.28 24.13 12.84
N ASN A 230 -6.25 23.57 14.06
CA ASN A 230 -7.42 23.40 14.93
C ASN A 230 -8.60 22.74 14.25
N ALA A 231 -8.30 21.72 13.44
CA ALA A 231 -9.34 20.98 12.78
C ALA A 231 -9.92 20.02 13.78
N VAL A 232 -11.21 19.81 13.63
CA VAL A 232 -11.95 18.88 14.43
C VAL A 232 -12.89 18.23 13.45
N PHE A 233 -12.73 16.93 13.31
CA PHE A 233 -13.60 16.10 12.49
C PHE A 233 -14.42 15.25 13.48
N THR A 234 -15.73 15.44 13.42
CA THR A 234 -16.69 14.94 14.37
C THR A 234 -17.57 14.01 13.57
N VAL A 235 -17.52 12.74 13.94
CA VAL A 235 -18.41 11.72 13.40
C VAL A 235 -19.48 11.45 14.43
N SER A 236 -20.69 11.94 14.23
CA SER A 236 -21.66 11.86 15.31
C SER A 236 -22.46 10.56 15.21
N ASP A 237 -22.39 9.89 14.06
CA ASP A 237 -22.72 8.49 13.94
C ASP A 237 -22.23 7.89 12.61
N TYR A 238 -21.74 6.66 12.71
CA TYR A 238 -21.23 5.93 11.58
C TYR A 238 -21.60 4.47 11.81
N SER A 239 -22.14 3.81 10.79
CA SER A 239 -22.30 2.37 10.80
C SER A 239 -22.11 1.84 9.42
N VAL A 240 -21.70 0.56 9.38
CA VAL A 240 -21.64 -0.22 8.16
C VAL A 240 -21.75 -1.68 8.52
N SER A 241 -22.39 -2.44 7.65
CA SER A 241 -22.37 -3.88 7.77
C SER A 241 -22.24 -4.54 6.38
N VAL A 242 -21.50 -5.64 6.33
CA VAL A 242 -21.42 -6.43 5.13
C VAL A 242 -22.40 -7.60 5.25
N ALA A 243 -23.45 -7.57 4.46
CA ALA A 243 -24.37 -8.70 4.38
C ALA A 243 -24.13 -9.44 3.03
N THR B 25 7.42 -25.54 -13.44
CA THR B 25 6.05 -24.91 -13.48
C THR B 25 6.16 -23.43 -13.86
N GLN B 26 5.70 -23.07 -15.06
CA GLN B 26 5.65 -21.67 -15.52
C GLN B 26 4.21 -21.11 -15.50
N PHE B 27 4.06 -19.80 -15.29
CA PHE B 27 2.77 -19.13 -15.37
C PHE B 27 2.91 -17.68 -15.85
N CYS B 28 1.94 -17.21 -16.61
CA CYS B 28 1.95 -15.93 -17.28
C CYS B 28 0.78 -15.03 -16.84
N ASP B 29 -0.18 -15.58 -16.08
CA ASP B 29 -1.36 -14.81 -15.69
C ASP B 29 -1.03 -13.76 -14.65
N GLN B 30 -1.89 -12.76 -14.55
CA GLN B 30 -1.59 -11.56 -13.78
C GLN B 30 -1.22 -11.88 -12.34
N TRP B 31 -1.98 -12.78 -11.73
CA TRP B 31 -1.82 -13.19 -10.31
C TRP B 31 -1.39 -14.64 -10.13
N GLY B 32 -0.78 -15.25 -11.14
CA GLY B 32 -0.30 -16.62 -10.97
C GLY B 32 0.74 -16.69 -9.84
N SER B 33 0.77 -17.81 -9.16
CA SER B 33 1.74 -18.09 -8.11
C SER B 33 1.93 -19.60 -7.96
N VAL B 34 3.05 -20.04 -7.36
CA VAL B 34 3.15 -21.43 -6.89
C VAL B 34 3.87 -21.45 -5.55
N THR B 35 3.49 -22.38 -4.69
CA THR B 35 4.10 -22.56 -3.40
C THR B 35 5.17 -23.64 -3.47
N GLU B 36 6.31 -23.38 -2.84
CA GLU B 36 7.43 -24.31 -2.75
C GLU B 36 8.22 -24.09 -1.46
N GLY B 37 8.27 -25.14 -0.64
CA GLY B 37 8.99 -25.07 0.62
C GLY B 37 8.44 -23.90 1.39
N ASN B 38 9.33 -23.05 1.88
CA ASN B 38 8.93 -21.84 2.61
C ASN B 38 8.74 -20.59 1.72
N TYR B 39 8.66 -20.80 0.40
CA TYR B 39 8.46 -19.66 -0.52
C TYR B 39 7.18 -19.73 -1.31
N ILE B 40 6.67 -18.55 -1.65
CA ILE B 40 5.68 -18.42 -2.71
C ILE B 40 6.32 -17.52 -3.76
N LEU B 41 6.21 -17.94 -5.02
CA LEU B 41 6.76 -17.23 -6.14
C LEU B 41 5.57 -16.69 -6.89
N TYR B 42 5.45 -15.39 -6.97
CA TYR B 42 4.32 -14.72 -7.65
C TYR B 42 4.79 -14.11 -8.91
N ASN B 43 3.92 -14.04 -9.90
CA ASN B 43 4.14 -13.26 -11.15
C ASN B 43 3.73 -11.80 -10.90
N ASN B 44 2.57 -11.58 -10.30
CA ASN B 44 2.24 -10.31 -9.70
C ASN B 44 2.33 -9.12 -10.69
N LEU B 45 1.61 -9.22 -11.82
CA LEU B 45 1.63 -8.14 -12.79
C LEU B 45 0.67 -7.01 -12.37
N TRP B 46 1.00 -6.33 -11.29
CA TRP B 46 0.04 -5.40 -10.68
C TRP B 46 -0.09 -4.08 -11.48
N GLY B 47 0.95 -3.72 -12.23
CA GLY B 47 0.96 -2.48 -13.01
C GLY B 47 0.76 -2.63 -14.51
N GLN B 48 0.32 -3.80 -14.93
CA GLN B 48 -0.03 -4.13 -16.30
C GLN B 48 -0.89 -3.04 -16.97
N ALA B 49 -1.86 -2.54 -16.21
CA ALA B 49 -2.73 -1.50 -16.72
C ALA B 49 -1.97 -0.19 -17.05
N GLN B 50 -0.81 0.06 -16.46
CA GLN B 50 0.01 1.22 -16.87
C GLN B 50 0.78 1.01 -18.17
N ALA B 51 0.83 -0.22 -18.63
CA ALA B 51 1.58 -0.51 -19.81
C ALA B 51 0.63 -0.31 -20.98
N THR B 52 1.27 0.02 -22.11
CA THR B 52 0.65 0.17 -23.42
C THR B 52 0.63 -1.17 -24.14
N SER B 53 1.61 -2.04 -23.87
CA SER B 53 1.63 -3.44 -24.33
C SER B 53 2.57 -4.24 -23.47
N GLY B 54 2.50 -5.56 -23.61
CA GLY B 54 3.49 -6.47 -22.98
C GLY B 54 3.00 -7.72 -22.28
N SER B 55 3.93 -8.55 -21.81
CA SER B 55 3.56 -9.74 -21.05
C SER B 55 4.70 -10.27 -20.19
N GLN B 56 4.43 -11.20 -19.30
CA GLN B 56 5.47 -11.65 -18.43
C GLN B 56 5.20 -13.04 -17.99
N CYS B 57 6.18 -13.93 -18.10
CA CYS B 57 5.99 -15.33 -17.63
C CYS B 57 7.03 -15.62 -16.63
N THR B 58 6.63 -16.25 -15.55
CA THR B 58 7.53 -16.54 -14.47
C THR B 58 7.63 -18.06 -14.34
N THR B 59 8.85 -18.57 -14.12
CA THR B 59 9.01 -20.00 -14.02
C THR B 59 9.84 -20.42 -12.80
N PHE B 60 9.27 -21.38 -12.09
CA PHE B 60 9.95 -21.95 -10.97
C PHE B 60 10.86 -23.06 -11.49
N GLU B 61 12.17 -23.03 -11.17
CA GLU B 61 13.09 -24.07 -11.67
C GLU B 61 13.38 -25.18 -10.67
N SER B 62 13.79 -24.82 -9.46
CA SER B 62 14.02 -25.85 -8.48
C SER B 62 14.02 -25.27 -7.10
N LEU B 63 13.85 -26.15 -6.13
CA LEU B 63 14.07 -25.82 -4.72
C LEU B 63 14.91 -26.95 -4.05
N SER B 64 15.99 -26.60 -3.37
CA SER B 64 16.81 -27.59 -2.69
C SER B 64 17.12 -27.01 -1.32
N GLY B 65 16.69 -27.72 -0.29
CA GLY B 65 16.81 -27.20 1.08
C GLY B 65 16.01 -25.93 1.18
N ASN B 66 16.67 -24.83 1.52
CA ASN B 66 16.01 -23.53 1.58
C ASN B 66 16.41 -22.58 0.46
N THR B 67 16.96 -23.15 -0.62
CA THR B 67 17.43 -22.40 -1.79
C THR B 67 16.53 -22.62 -2.99
N ILE B 68 16.09 -21.51 -3.59
CA ILE B 68 15.24 -21.52 -4.79
C ILE B 68 15.98 -20.92 -6.02
N VAL B 69 15.65 -21.44 -7.21
CA VAL B 69 16.22 -21.11 -8.50
C VAL B 69 15.00 -20.80 -9.35
N TRP B 70 15.02 -19.72 -10.13
CA TRP B 70 13.82 -19.27 -10.82
C TRP B 70 14.19 -18.19 -11.78
N ASN B 71 13.27 -17.93 -12.72
CA ASN B 71 13.41 -16.81 -13.64
C ASN B 71 12.08 -16.21 -14.08
N THR B 72 12.16 -15.03 -14.68
CA THR B 72 10.97 -14.39 -15.21
C THR B 72 11.35 -13.68 -16.50
N LYS B 73 10.45 -13.78 -17.50
CA LYS B 73 10.68 -13.18 -18.84
C LYS B 73 9.58 -12.25 -19.22
N TRP B 74 9.92 -11.13 -19.84
CA TRP B 74 8.93 -10.10 -20.06
C TRP B 74 9.26 -9.12 -21.15
N SER B 75 8.23 -8.57 -21.74
CA SER B 75 8.35 -7.42 -22.56
C SER B 75 7.30 -6.47 -22.03
N TRP B 76 7.69 -5.21 -21.81
CA TRP B 76 6.76 -4.15 -21.41
C TRP B 76 7.12 -2.84 -22.09
N SER B 77 6.11 -2.10 -22.51
CA SER B 77 6.33 -0.75 -23.00
C SER B 77 5.23 0.17 -22.49
N GLY B 78 5.47 1.48 -22.57
CA GLY B 78 4.54 2.51 -22.10
C GLY B 78 4.79 2.92 -20.66
N GLY B 79 3.98 3.84 -20.18
CA GLY B 79 4.00 4.26 -18.77
C GLY B 79 5.39 4.53 -18.21
N GLN B 80 6.11 5.46 -18.84
CA GLN B 80 7.43 5.92 -18.35
C GLN B 80 7.41 6.14 -16.83
N GLY B 81 8.42 5.62 -16.14
CA GLY B 81 8.56 5.77 -14.70
C GLY B 81 7.63 4.96 -13.81
N GLN B 82 6.84 4.06 -14.40
CA GLN B 82 5.83 3.31 -13.66
C GLN B 82 6.07 1.81 -13.65
N VAL B 83 6.11 1.24 -12.45
CA VAL B 83 6.40 -0.14 -12.33
C VAL B 83 5.25 -0.95 -12.93
N LYS B 84 5.58 -2.00 -13.67
CA LYS B 84 4.58 -2.88 -14.27
C LYS B 84 4.30 -4.13 -13.45
N SER B 85 5.29 -4.63 -12.74
CA SER B 85 5.10 -5.89 -12.04
C SER B 85 6.11 -6.01 -10.92
N PHE B 86 5.96 -7.04 -10.12
CA PHE B 86 6.97 -7.35 -9.17
C PHE B 86 6.84 -8.83 -8.88
N ALA B 87 7.30 -9.57 -9.86
CA ALA B 87 7.52 -10.99 -9.76
C ALA B 87 8.63 -11.23 -8.73
N ASN B 88 8.41 -12.20 -7.84
CA ASN B 88 9.27 -12.34 -6.68
C ASN B 88 9.01 -13.59 -5.90
N ALA B 89 10.01 -13.97 -5.13
CA ALA B 89 9.91 -15.00 -4.11
C ALA B 89 9.65 -14.37 -2.74
N ALA B 90 8.55 -14.75 -2.12
CA ALA B 90 8.13 -14.29 -0.79
C ALA B 90 8.40 -15.38 0.25
N LEU B 91 9.09 -15.00 1.32
CA LEU B 91 9.27 -15.96 2.39
C LEU B 91 7.97 -16.09 3.22
N GLN B 92 7.60 -17.32 3.54
CA GLN B 92 6.50 -17.61 4.43
C GLN B 92 7.05 -17.84 5.85
N PHE B 93 6.72 -16.94 6.78
CA PHE B 93 7.23 -17.02 8.13
C PHE B 93 6.22 -16.42 9.12
N THR B 94 6.31 -16.81 10.38
CA THR B 94 5.50 -16.15 11.39
C THR B 94 6.07 -14.74 11.67
N PRO B 95 5.21 -13.72 11.63
CA PRO B 95 5.67 -12.38 11.90
C PRO B 95 6.32 -12.25 13.29
N LYS B 96 7.29 -11.33 13.39
CA LYS B 96 8.09 -11.08 14.57
C LYS B 96 8.37 -9.59 14.69
N LYS B 97 8.48 -9.07 15.91
CA LYS B 97 8.96 -7.70 16.10
C LYS B 97 10.40 -7.60 15.69
N LEU B 98 10.78 -6.43 15.20
CA LEU B 98 12.18 -6.20 14.88
C LEU B 98 13.08 -6.38 16.11
N SER B 99 12.59 -5.92 17.26
CA SER B 99 13.33 -5.97 18.51
C SER B 99 13.73 -7.42 18.85
N SER B 100 12.96 -8.42 18.40
CA SER B 100 13.29 -9.82 18.69
C SER B 100 13.83 -10.62 17.50
N VAL B 101 13.98 -10.00 16.34
CA VAL B 101 14.65 -10.69 15.21
C VAL B 101 16.17 -10.72 15.45
N LYS B 102 16.78 -11.91 15.39
CA LYS B 102 18.22 -12.11 15.54
C LYS B 102 18.93 -11.79 14.23
N SER B 103 18.38 -12.29 13.12
CA SER B 103 19.06 -12.20 11.84
C SER B 103 18.10 -12.42 10.69
N ILE B 104 18.42 -11.81 9.56
CA ILE B 104 17.74 -12.08 8.30
C ILE B 104 18.80 -12.40 7.23
N ASP B 105 19.46 -13.54 7.41
CA ASP B 105 20.51 -13.91 6.50
C ASP B 105 19.99 -14.33 5.16
N SER B 106 20.71 -13.95 4.10
CA SER B 106 20.23 -14.13 2.75
C SER B 106 21.39 -14.15 1.75
N THR B 107 21.25 -15.00 0.71
CA THR B 107 22.18 -15.08 -0.42
C THR B 107 21.32 -14.79 -1.61
N TRP B 108 21.81 -14.03 -2.58
CA TRP B 108 21.10 -13.87 -3.84
C TRP B 108 22.09 -13.76 -4.98
N LYS B 109 21.91 -14.58 -6.01
CA LYS B 109 22.69 -14.45 -7.26
C LYS B 109 21.75 -14.39 -8.43
N TRP B 110 21.95 -13.39 -9.28
CA TRP B 110 21.01 -13.07 -10.38
C TRP B 110 21.72 -12.45 -11.54
N ASN B 111 21.05 -12.48 -12.70
CA ASN B 111 21.48 -11.68 -13.83
C ASN B 111 20.32 -11.27 -14.70
N TYR B 112 20.62 -10.35 -15.61
CA TYR B 112 19.65 -9.76 -16.46
C TYR B 112 20.24 -9.61 -17.85
N SER B 113 19.46 -10.01 -18.86
CA SER B 113 19.76 -9.67 -20.21
C SER B 113 18.52 -9.38 -21.07
N GLY B 114 18.72 -8.68 -22.20
CA GLY B 114 17.66 -8.42 -23.19
C GLY B 114 17.87 -7.04 -23.79
N SER B 115 16.79 -6.43 -24.30
CA SER B 115 16.87 -5.11 -25.04
C SER B 115 16.30 -3.92 -24.30
N ASN B 116 17.04 -2.85 -24.26
CA ASN B 116 16.57 -1.61 -23.62
C ASN B 116 15.91 -1.79 -22.27
N ILE B 117 16.61 -2.47 -21.36
CA ILE B 117 16.02 -2.84 -20.10
C ILE B 117 16.13 -1.72 -19.09
N VAL B 118 14.95 -1.30 -18.63
CA VAL B 118 14.76 -0.36 -17.55
C VAL B 118 13.99 -1.14 -16.49
N ALA B 119 14.67 -1.50 -15.41
CA ALA B 119 14.12 -2.31 -14.34
C ALA B 119 14.99 -2.18 -13.08
N ASP B 120 14.52 -2.70 -11.95
CA ASP B 120 15.34 -2.79 -10.75
C ASP B 120 15.23 -4.21 -10.24
N VAL B 121 16.19 -4.56 -9.38
CA VAL B 121 16.26 -5.87 -8.76
C VAL B 121 16.36 -5.57 -7.27
N ALA B 122 15.49 -6.13 -6.44
CA ALA B 122 15.34 -5.54 -5.09
C ALA B 122 14.71 -6.46 -4.11
N TYR B 123 15.19 -6.39 -2.86
CA TYR B 123 14.46 -6.96 -1.75
C TYR B 123 13.37 -5.99 -1.45
N ASP B 124 12.29 -6.53 -0.92
CA ASP B 124 11.11 -5.74 -0.59
C ASP B 124 10.65 -6.27 0.76
N MET B 125 10.77 -5.47 1.81
CA MET B 125 10.42 -5.93 3.14
C MET B 125 9.42 -4.98 3.76
N PHE B 126 8.39 -5.56 4.38
CA PHE B 126 7.31 -4.77 4.90
C PHE B 126 7.11 -4.91 6.39
N LEU B 127 6.75 -3.79 7.00
CA LEU B 127 6.52 -3.74 8.44
C LEU B 127 5.08 -3.39 8.72
N SER B 128 4.59 -3.86 9.86
CA SER B 128 3.25 -3.48 10.33
C SER B 128 3.26 -3.33 11.85
N THR B 129 2.23 -2.68 12.41
CA THR B 129 2.08 -2.51 13.87
C THR B 129 1.53 -3.81 14.46
N SER B 130 0.92 -4.65 13.62
CA SER B 130 0.43 -5.95 14.09
C SER B 130 0.71 -7.08 13.08
N PRO B 131 0.87 -8.31 13.56
CA PRO B 131 1.15 -9.48 12.75
C PRO B 131 0.31 -9.56 11.46
N GLY B 132 -0.98 -9.25 11.54
CA GLY B 132 -1.85 -9.33 10.38
C GLY B 132 -2.21 -7.99 9.79
N GLY B 133 -1.62 -6.93 10.33
CA GLY B 133 -2.02 -5.57 10.01
C GLY B 133 -1.48 -5.17 8.66
N ASP B 134 -1.94 -4.04 8.14
CA ASP B 134 -1.44 -3.59 6.85
C ASP B 134 -0.10 -2.86 7.01
N HIS B 135 0.51 -2.59 5.88
CA HIS B 135 1.89 -2.18 5.84
C HIS B 135 2.01 -0.71 6.07
N ASN B 136 2.83 -0.30 7.02
CA ASN B 136 3.12 1.13 7.18
C ASN B 136 4.50 1.50 6.66
N TYR B 137 5.40 0.52 6.59
CA TYR B 137 6.75 0.78 6.19
C TYR B 137 7.11 -0.22 5.16
N GLU B 138 7.78 0.24 4.12
CA GLU B 138 8.35 -0.63 3.11
C GLU B 138 9.84 -0.35 3.05
N ILE B 139 10.67 -1.38 3.22
CA ILE B 139 12.12 -1.22 3.10
C ILE B 139 12.58 -1.99 1.90
N MET B 140 13.07 -1.28 0.89
CA MET B 140 13.57 -1.88 -0.32
C MET B 140 15.11 -1.87 -0.35
N VAL B 141 15.71 -2.91 -0.94
CA VAL B 141 17.12 -2.92 -1.18
C VAL B 141 17.44 -3.31 -2.60
N TRP B 142 17.74 -2.28 -3.40
CA TRP B 142 18.06 -2.45 -4.81
C TRP B 142 19.47 -2.96 -4.96
N LEU B 143 19.63 -4.17 -5.45
CA LEU B 143 20.97 -4.64 -5.81
C LEU B 143 21.29 -4.22 -7.21
N GLY B 144 20.28 -3.74 -7.93
CA GLY B 144 20.43 -3.43 -9.35
C GLY B 144 19.42 -2.37 -9.78
N ALA B 145 19.95 -1.31 -10.39
CA ALA B 145 19.13 -0.26 -11.05
C ALA B 145 19.53 -0.27 -12.52
N LEU B 146 18.65 -0.70 -13.39
CA LEU B 146 19.05 -0.81 -14.77
C LEU B 146 18.33 0.24 -15.60
N GLY B 147 19.06 0.86 -16.52
CA GLY B 147 18.55 1.86 -17.42
C GLY B 147 17.95 3.11 -16.80
N GLY B 148 18.51 3.62 -15.72
CA GLY B 148 17.99 4.85 -15.10
C GLY B 148 16.68 4.66 -14.29
N ALA B 149 16.29 3.42 -14.02
CA ALA B 149 15.20 3.11 -13.09
C ALA B 149 15.41 3.91 -11.80
N GLY B 150 14.39 4.66 -11.37
CA GLY B 150 14.46 5.50 -10.16
C GLY B 150 13.53 5.07 -9.00
N PRO B 151 14.03 5.10 -7.76
CA PRO B 151 13.21 4.70 -6.61
C PRO B 151 12.16 5.76 -6.23
N ILE B 152 11.22 5.39 -5.35
CA ILE B 152 10.32 6.38 -4.74
C ILE B 152 11.15 7.40 -3.95
N SER B 153 10.82 8.67 -4.04
CA SER B 153 11.54 9.66 -3.33
C SER B 153 10.73 10.94 -3.20
N SER B 154 10.74 11.56 -2.03
CA SER B 154 10.14 12.89 -1.88
C SER B 154 10.98 13.99 -2.58
N THR B 155 12.24 14.13 -2.19
CA THR B 155 13.09 15.17 -2.81
C THR B 155 13.59 14.83 -4.22
N GLY B 156 13.63 13.54 -4.58
CA GLY B 156 14.29 13.11 -5.81
C GLY B 156 15.79 12.87 -5.63
N SER B 157 16.29 13.00 -4.40
CA SER B 157 17.69 12.85 -4.07
C SER B 157 17.85 12.00 -2.81
N PRO B 158 19.01 11.34 -2.66
CA PRO B 158 19.33 10.64 -1.42
C PRO B 158 19.14 11.51 -0.19
N ILE B 159 18.66 10.95 0.91
CA ILE B 159 18.73 11.60 2.21
C ILE B 159 19.97 11.19 2.99
N ALA B 160 20.64 10.13 2.51
CA ALA B 160 21.92 9.69 3.08
C ALA B 160 22.54 8.73 2.12
N THR B 161 23.84 8.48 2.29
CA THR B 161 24.55 7.52 1.48
C THR B 161 25.36 6.54 2.34
N PRO B 162 24.70 5.69 3.14
CA PRO B 162 25.37 4.79 4.08
C PRO B 162 25.87 3.47 3.53
N THR B 163 26.81 2.89 4.27
CA THR B 163 27.40 1.58 3.96
C THR B 163 26.74 0.53 4.87
N VAL B 164 26.06 -0.44 4.28
CA VAL B 164 25.51 -1.57 5.04
C VAL B 164 25.95 -2.84 4.34
N ALA B 165 26.37 -3.86 5.07
CA ALA B 165 26.70 -5.18 4.47
C ALA B 165 27.92 -5.11 3.58
N GLY B 166 28.87 -4.23 3.96
CA GLY B 166 30.02 -3.91 3.12
C GLY B 166 29.68 -3.24 1.78
N ILE B 167 28.43 -2.85 1.57
CA ILE B 167 28.05 -2.19 0.33
C ILE B 167 27.60 -0.75 0.60
N LYS B 168 28.00 0.13 -0.28
CA LYS B 168 27.70 1.53 -0.20
C LYS B 168 26.41 1.79 -0.95
N PHE B 169 25.48 2.48 -0.28
CA PHE B 169 24.13 2.66 -0.80
C PHE B 169 23.74 4.10 -0.93
N ASN B 170 22.84 4.39 -1.83
CA ASN B 170 22.09 5.64 -1.77
C ASN B 170 20.77 5.37 -1.14
N LEU B 171 20.42 6.10 -0.09
CA LEU B 171 19.15 5.91 0.58
C LEU B 171 18.12 6.98 0.21
N TYR B 172 16.95 6.56 -0.21
CA TYR B 172 15.87 7.49 -0.56
C TYR B 172 14.73 7.26 0.37
N LEU B 173 13.99 8.33 0.71
CA LEU B 173 12.69 8.19 1.39
C LEU B 173 11.61 8.90 0.61
N GLY B 174 10.45 8.25 0.48
CA GLY B 174 9.26 8.88 0.01
C GLY B 174 8.07 8.04 0.44
N PRO B 175 6.87 8.64 0.39
CA PRO B 175 5.62 7.90 0.57
C PRO B 175 5.09 7.33 -0.74
N ASN B 176 4.41 6.20 -0.61
CA ASN B 176 3.65 5.57 -1.66
C ASN B 176 2.60 4.67 -0.95
N GLY B 177 1.39 4.55 -1.51
CA GLY B 177 0.30 3.89 -0.83
C GLY B 177 0.02 4.60 0.49
N SER B 178 -0.15 3.82 1.55
CA SER B 178 -0.27 4.42 2.87
C SER B 178 0.95 4.12 3.69
N MET B 179 2.12 4.25 3.07
CA MET B 179 3.38 3.73 3.61
C MET B 179 4.49 4.75 3.48
N GLN B 180 5.46 4.65 4.38
CA GLN B 180 6.77 5.20 4.11
C GLN B 180 7.61 4.14 3.42
N VAL B 181 8.30 4.56 2.38
CA VAL B 181 9.17 3.68 1.60
C VAL B 181 10.61 4.18 1.68
N TYR B 182 11.48 3.41 2.34
CA TYR B 182 12.94 3.66 2.29
C TYR B 182 13.57 2.71 1.30
N SER B 183 14.20 3.24 0.27
CA SER B 183 14.87 2.46 -0.72
C SER B 183 16.39 2.67 -0.69
N PHE B 184 17.12 1.64 -0.29
CA PHE B 184 18.58 1.60 -0.40
C PHE B 184 18.93 1.12 -1.80
N VAL B 185 19.49 1.99 -2.63
CA VAL B 185 19.96 1.63 -3.97
C VAL B 185 21.47 1.49 -3.97
N ALA B 186 22.01 0.33 -4.30
CA ALA B 186 23.46 0.17 -4.38
C ALA B 186 24.02 1.13 -5.37
N GLN B 187 25.12 1.76 -5.01
CA GLN B 187 25.80 2.65 -5.94
C GLN B 187 26.38 1.82 -7.09
N SER B 188 27.07 0.74 -6.76
CA SER B 188 27.44 -0.31 -7.72
C SER B 188 26.50 -1.55 -7.72
N THR B 189 25.97 -1.87 -8.90
CA THR B 189 25.16 -3.05 -9.11
C THR B 189 25.89 -4.35 -8.71
N THR B 190 25.23 -5.16 -7.87
CA THR B 190 25.80 -6.36 -7.32
C THR B 190 24.96 -7.53 -7.75
N ASN B 191 25.53 -8.38 -8.59
CA ASN B 191 24.90 -9.57 -9.07
C ASN B 191 24.98 -10.75 -8.10
N SER B 192 25.86 -10.65 -7.12
CA SER B 192 26.07 -11.74 -6.19
C SER B 192 26.16 -11.11 -4.83
N PHE B 193 25.21 -11.42 -3.97
CA PHE B 193 25.12 -10.76 -2.69
C PHE B 193 24.96 -11.79 -1.57
N SER B 194 25.41 -11.36 -0.41
CA SER B 194 25.39 -12.20 0.76
C SER B 194 25.47 -11.33 2.02
N GLY B 195 24.54 -11.53 2.94
CA GLY B 195 24.51 -10.67 4.10
C GLY B 195 23.30 -10.85 4.97
N ASP B 196 23.33 -10.12 6.08
CA ASP B 196 22.21 -9.99 6.96
C ASP B 196 21.37 -8.75 6.72
N MET B 197 20.12 -8.96 6.34
CA MET B 197 19.18 -7.87 6.01
C MET B 197 18.71 -7.13 7.26
N ARG B 198 18.98 -7.70 8.42
CA ARG B 198 18.69 -7.00 9.68
C ARG B 198 19.47 -5.67 9.76
N ASP B 199 20.65 -5.67 9.17
CA ASP B 199 21.49 -4.49 9.15
C ASP B 199 20.81 -3.29 8.49
N PHE B 200 19.79 -3.49 7.65
CA PHE B 200 19.13 -2.33 7.03
C PHE B 200 18.12 -1.73 7.99
N PHE B 201 17.45 -2.55 8.78
CA PHE B 201 16.54 -2.04 9.80
C PHE B 201 17.28 -1.37 10.96
N THR B 202 18.31 -2.06 11.42
CA THR B 202 19.24 -1.53 12.40
C THR B 202 19.83 -0.16 12.04
N TYR B 203 20.28 0.02 10.81
CA TYR B 203 20.63 1.36 10.34
C TYR B 203 19.45 2.34 10.53
N LEU B 204 18.26 1.95 10.09
CA LEU B 204 17.13 2.88 10.15
C LEU B 204 16.70 3.21 11.57
N GLU B 205 16.74 2.22 12.45
CA GLU B 205 16.40 2.44 13.84
C GLU B 205 17.35 3.47 14.46
N SER B 206 18.65 3.32 14.19
CA SER B 206 19.63 4.21 14.76
C SER B 206 19.59 5.59 14.15
N ASN B 207 19.30 5.70 12.85
CA ASN B 207 19.57 6.96 12.12
C ASN B 207 18.35 7.65 11.56
N GLN B 208 17.25 6.92 11.39
CA GLN B 208 16.00 7.55 10.93
C GLN B 208 14.81 7.40 11.84
N GLY B 209 15.07 6.95 13.07
CA GLY B 209 14.09 6.89 14.14
C GLY B 209 13.01 5.89 13.87
N LEU B 210 13.35 4.84 13.14
CA LEU B 210 12.42 3.73 12.94
C LEU B 210 12.34 2.91 14.24
N SER B 211 11.13 2.52 14.63
CA SER B 211 10.83 1.82 15.90
C SER B 211 11.04 0.30 15.76
N SER B 212 11.77 -0.31 16.65
CA SER B 212 11.94 -1.75 16.56
C SER B 212 10.73 -2.52 17.15
N ASP B 213 9.71 -1.79 17.56
CA ASP B 213 8.50 -2.40 18.06
C ASP B 213 7.59 -2.92 16.91
N LEU B 214 7.92 -2.54 15.69
CA LEU B 214 7.12 -2.92 14.52
C LEU B 214 7.39 -4.36 14.15
N TYR B 215 6.39 -4.97 13.54
CA TYR B 215 6.49 -6.37 13.14
C TYR B 215 6.98 -6.42 11.75
N LEU B 216 7.99 -7.22 11.49
CA LEU B 216 8.35 -7.56 10.13
C LEU B 216 7.39 -8.62 9.64
N VAL B 217 6.69 -8.36 8.55
CA VAL B 217 5.61 -9.28 8.10
C VAL B 217 5.76 -9.82 6.66
N ASP B 218 6.78 -9.35 5.92
CA ASP B 218 6.94 -9.74 4.52
C ASP B 218 8.40 -9.50 4.15
N VAL B 219 9.03 -10.53 3.59
CA VAL B 219 10.37 -10.44 3.02
C VAL B 219 10.34 -11.03 1.61
N GLN B 220 10.48 -10.17 0.59
CA GLN B 220 10.34 -10.58 -0.80
C GLN B 220 11.53 -10.09 -1.64
N ALA B 221 11.87 -10.87 -2.67
CA ALA B 221 13.00 -10.58 -3.54
C ALA B 221 12.65 -10.89 -4.99
N GLY B 222 12.69 -9.83 -5.83
CA GLY B 222 12.30 -9.93 -7.22
C GLY B 222 12.75 -8.76 -8.06
N THR B 223 12.03 -8.50 -9.12
CA THR B 223 12.38 -7.45 -10.04
C THR B 223 11.13 -6.66 -10.44
N GLU B 224 11.34 -5.36 -10.68
CA GLU B 224 10.33 -4.40 -11.06
C GLU B 224 10.70 -3.84 -12.43
N PRO B 225 10.10 -4.35 -13.50
CA PRO B 225 10.31 -3.82 -14.80
C PRO B 225 9.60 -2.51 -14.94
N PHE B 226 10.23 -1.60 -15.69
CA PHE B 226 9.59 -0.39 -16.16
C PHE B 226 9.28 -0.48 -17.67
N SER B 227 10.30 -0.89 -18.45
CA SER B 227 10.20 -0.99 -19.90
C SER B 227 11.37 -1.79 -20.43
N GLY B 228 11.16 -2.49 -21.54
CA GLY B 228 12.20 -3.23 -22.26
C GLY B 228 11.54 -4.34 -23.07
N SER B 229 12.31 -5.09 -23.84
CA SER B 229 11.73 -6.22 -24.55
C SER B 229 12.63 -7.42 -24.50
N ASN B 230 12.05 -8.62 -24.54
CA ASN B 230 12.84 -9.88 -24.54
C ASN B 230 13.84 -9.91 -23.39
N ALA B 231 13.35 -9.61 -22.21
CA ALA B 231 14.13 -9.49 -21.00
C ALA B 231 13.98 -10.78 -20.29
N VAL B 232 15.01 -11.13 -19.52
CA VAL B 232 15.19 -12.43 -18.91
C VAL B 232 15.98 -12.11 -17.65
N PHE B 233 15.31 -12.28 -16.51
CA PHE B 233 15.87 -12.10 -15.20
C PHE B 233 16.03 -13.49 -14.69
N THR B 234 17.26 -13.84 -14.32
CA THR B 234 17.59 -15.19 -13.85
C THR B 234 18.19 -15.17 -12.42
N VAL B 235 17.59 -15.96 -11.53
CA VAL B 235 18.01 -16.12 -10.15
C VAL B 235 18.66 -17.50 -10.02
N SER B 236 19.99 -17.56 -10.08
CA SER B 236 20.66 -18.87 -9.92
C SER B 236 20.65 -19.41 -8.51
N ASP B 237 20.42 -18.55 -7.53
CA ASP B 237 20.63 -18.85 -6.12
C ASP B 237 19.95 -17.77 -5.27
N TYR B 238 18.91 -18.15 -4.53
CA TYR B 238 18.28 -17.26 -3.57
C TYR B 238 17.91 -18.01 -2.34
N SER B 239 18.22 -17.46 -1.17
CA SER B 239 17.61 -17.95 0.06
C SER B 239 17.57 -16.82 1.06
N VAL B 240 16.73 -17.02 2.08
CA VAL B 240 16.65 -16.07 3.20
C VAL B 240 15.96 -16.78 4.35
N SER B 241 16.28 -16.40 5.58
CA SER B 241 15.56 -16.90 6.74
C SER B 241 15.45 -15.81 7.78
N VAL B 242 14.40 -15.91 8.59
CA VAL B 242 14.18 -14.98 9.67
C VAL B 242 14.40 -15.76 10.97
N ALA B 243 15.51 -15.45 11.64
CA ALA B 243 15.90 -16.14 12.89
C ALA B 243 15.54 -15.31 14.19
S SO4 C . -27.77 3.32 12.06
O1 SO4 C . -28.07 4.09 10.82
O2 SO4 C . -26.42 3.76 12.53
O3 SO4 C . -28.82 3.63 13.07
O4 SO4 C . -27.76 1.84 11.79
S SO4 D . -3.79 -8.77 13.90
O1 SO4 D . -3.77 -7.48 13.17
O2 SO4 D . -2.40 -9.27 14.20
O3 SO4 D . -4.42 -8.63 15.24
O4 SO4 D . -4.51 -9.66 12.91
#